data_4KRL
#
_entry.id   4KRL
#
_cell.length_a   148.048
_cell.length_b   148.048
_cell.length_c   82.510
_cell.angle_alpha   90.000
_cell.angle_beta   90.000
_cell.angle_gamma   120.000
#
_symmetry.space_group_name_H-M   'P 61 2 2'
#
loop_
_entity.id
_entity.type
_entity.pdbx_description
1 polymer 'Nanobody/VHH domain 7D12'
2 polymer 'Epidermal growth factor receptor'
3 branched 2-acetamido-2-deoxy-beta-D-glucopyranose-(1-4)-2-acetamido-2-deoxy-beta-D-glucopyranose
4 non-polymer '2-(N-MORPHOLINO)-ETHANESULFONIC ACID'
5 non-polymer 2-acetamido-2-deoxy-beta-D-glucopyranose
6 non-polymer 'IODIDE ION'
7 water water
#
loop_
_entity_poly.entity_id
_entity_poly.type
_entity_poly.pdbx_seq_one_letter_code
_entity_poly.pdbx_strand_id
1 'polypeptide(L)'
;QVKLEESGGGSVQTGGSLRLTCAASGRTSRSYGMGWFRQAPGKEREFVSGISWRGDSTGYADSVKGRFTISRDNAKNTVD
LQMNSLKPEDTAIYYCAAAAGSAWYGTLYEYDYWGQGTQVTVSSALEHHHHHH
;
B
2 'polypeptide(L)'
;LEEKKVCNGIGIGEFKDSLSINATNIKHFKNCTSISGDLHILPVAFRGDSFTHTPPLDPQELDILKTVKEITGFLLIQAW
PENRTDLHAFENLEIIRGRTKQHGQFSLAVVSLNITSLGLRSLKEISDGDVIISGNKNLCYANTINWKKLFGTSGQKTKI
ISNRGENSCKATGQVCHALCSPEGCWGPEPRDCVSCRNVSRGRECVDKHHHHHH
;
A
#
loop_
_chem_comp.id
_chem_comp.type
_chem_comp.name
_chem_comp.formula
IOD non-polymer 'IODIDE ION' 'I -1'
MES non-polymer '2-(N-MORPHOLINO)-ETHANESULFONIC ACID' 'C6 H13 N O4 S'
NAG D-saccharide, beta linking 2-acetamido-2-deoxy-beta-D-glucopyranose 'C8 H15 N O6'
#
# COMPACT_ATOMS: atom_id res chain seq x y z
N GLN A 1 -9.28 10.31 6.18
CA GLN A 1 -8.02 10.37 5.44
C GLN A 1 -7.13 11.54 5.88
N VAL A 2 -5.85 11.42 5.54
CA VAL A 2 -4.84 12.43 5.86
C VAL A 2 -3.88 12.56 4.69
N LYS A 3 -3.48 13.78 4.37
CA LYS A 3 -2.45 13.99 3.36
C LYS A 3 -1.23 14.62 4.00
N LEU A 4 -0.05 14.19 3.58
CA LEU A 4 1.19 14.74 4.10
C LEU A 4 2.02 15.34 2.97
N GLU A 5 2.56 16.53 3.21
CA GLU A 5 3.45 17.16 2.24
C GLU A 5 4.81 17.43 2.87
N GLU A 6 5.85 16.85 2.30
CA GLU A 6 7.21 17.10 2.78
C GLU A 6 7.75 18.40 2.20
N SER A 7 8.45 19.16 3.04
CA SER A 7 9.08 20.41 2.61
C SER A 7 10.38 20.62 3.37
N GLY A 8 11.36 21.23 2.72
CA GLY A 8 12.60 21.58 3.37
C GLY A 8 13.83 20.90 2.80
N GLY A 9 13.65 20.13 1.74
CA GLY A 9 14.76 19.41 1.13
C GLY A 9 15.60 20.28 0.22
N GLY A 10 16.57 19.67 -0.44
CA GLY A 10 17.45 20.38 -1.36
C GLY A 10 18.83 19.76 -1.41
N SER A 11 19.82 20.52 -1.85
CA SER A 11 21.21 20.08 -1.80
C SER A 11 21.90 20.73 -0.60
N VAL A 12 22.91 20.05 -0.06
CA VAL A 12 23.65 20.57 1.08
C VAL A 12 25.15 20.38 0.89
N GLN A 13 25.93 21.29 1.47
CA GLN A 13 27.37 21.12 1.53
C GLN A 13 27.73 19.98 2.47
N THR A 14 28.65 19.13 2.05
CA THR A 14 29.09 17.98 2.85
C THR A 14 29.53 18.41 4.25
N GLY A 15 28.69 18.16 5.24
CA GLY A 15 28.98 18.57 6.60
C GLY A 15 28.02 19.64 7.10
N GLY A 16 27.08 20.03 6.24
CA GLY A 16 26.13 21.08 6.57
C GLY A 16 24.83 20.60 7.16
N SER A 17 24.13 21.51 7.83
CA SER A 17 22.84 21.19 8.45
C SER A 17 21.67 21.41 7.49
N LEU A 18 20.49 20.94 7.89
CA LEU A 18 19.28 21.04 7.08
C LEU A 18 18.05 20.66 7.91
N ARG A 19 16.90 21.23 7.59
CA ARG A 19 15.68 20.99 8.36
C ARG A 19 14.48 20.70 7.48
N LEU A 20 14.06 19.43 7.46
CA LEU A 20 12.87 19.03 6.71
C LEU A 20 11.61 19.32 7.52
N THR A 21 10.51 19.57 6.83
CA THR A 21 9.22 19.73 7.49
C THR A 21 8.17 18.90 6.77
N CYS A 22 7.13 18.51 7.51
CA CYS A 22 6.04 17.76 6.95
C CYS A 22 4.75 18.33 7.48
N ALA A 23 3.89 18.83 6.58
CA ALA A 23 2.62 19.39 7.00
C ALA A 23 1.49 18.42 6.68
N ALA A 24 0.59 18.23 7.64
CA ALA A 24 -0.53 17.31 7.46
C ALA A 24 -1.83 18.05 7.15
N SER A 25 -2.61 17.50 6.21
CA SER A 25 -3.92 18.06 5.87
C SER A 25 -4.99 16.99 5.97
N GLY A 26 -6.21 17.40 6.30
CA GLY A 26 -7.33 16.47 6.37
C GLY A 26 -7.82 16.22 7.78
N ARG A 27 -8.46 15.07 8.00
CA ARG A 27 -8.90 14.67 9.33
C ARG A 27 -7.68 14.50 10.25
N THR A 28 -7.07 15.62 10.60
CA THR A 28 -5.79 15.65 11.30
C THR A 28 -5.95 15.73 12.82
N SER A 29 -7.18 15.85 13.27
CA SER A 29 -7.47 16.01 14.69
C SER A 29 -7.69 14.69 15.40
N ARG A 30 -6.68 13.82 15.36
CA ARG A 30 -6.72 12.56 16.09
C ARG A 30 -5.30 12.05 16.36
N SER A 31 -5.20 10.94 17.07
CA SER A 31 -3.89 10.38 17.40
C SER A 31 -3.13 9.90 16.15
N TYR A 32 -1.95 10.48 15.93
CA TYR A 32 -1.07 10.00 14.88
C TYR A 32 0.37 9.90 15.34
N GLY A 33 0.97 8.74 15.12
CA GLY A 33 2.41 8.60 15.24
C GLY A 33 3.01 9.04 13.91
N MET A 34 4.06 9.85 13.97
CA MET A 34 4.70 10.35 12.76
C MET A 34 6.13 9.85 12.68
N GLY A 35 6.57 9.52 11.47
CA GLY A 35 7.91 9.02 11.28
C GLY A 35 8.55 9.49 9.98
N TRP A 36 9.87 9.59 9.98
CA TRP A 36 10.60 9.93 8.76
C TRP A 36 11.34 8.71 8.22
N PHE A 37 11.21 8.52 6.90
CA PHE A 37 11.90 7.43 6.23
C PHE A 37 12.73 8.00 5.08
N ARG A 38 13.51 7.15 4.43
CA ARG A 38 14.28 7.58 3.27
C ARG A 38 14.59 6.40 2.38
N GLN A 39 14.91 6.68 1.13
CA GLN A 39 15.31 5.65 0.19
C GLN A 39 16.43 6.14 -0.71
N ALA A 40 17.58 5.48 -0.64
CA ALA A 40 18.73 5.79 -1.48
C ALA A 40 18.61 5.06 -2.81
N PRO A 41 19.33 5.52 -3.83
CA PRO A 41 19.29 4.86 -5.14
C PRO A 41 19.71 3.38 -5.05
N GLY A 42 18.93 2.50 -5.66
CA GLY A 42 19.25 1.09 -5.68
C GLY A 42 19.18 0.40 -4.34
N LYS A 43 18.82 1.15 -3.29
CA LYS A 43 18.66 0.59 -1.97
C LYS A 43 17.18 0.44 -1.63
N GLU A 44 16.88 -0.19 -0.50
CA GLU A 44 15.50 -0.31 -0.04
C GLU A 44 15.18 0.82 0.93
N ARG A 45 13.89 1.15 1.05
CA ARG A 45 13.45 2.21 1.96
C ARG A 45 13.76 1.83 3.42
N GLU A 46 14.25 2.80 4.20
CA GLU A 46 14.67 2.52 5.57
C GLU A 46 14.14 3.55 6.57
N PHE A 47 14.14 3.16 7.84
CA PHE A 47 13.67 4.02 8.92
C PHE A 47 14.72 5.05 9.33
N VAL A 48 14.28 6.27 9.58
CA VAL A 48 15.18 7.35 9.98
C VAL A 48 14.85 7.82 11.39
N SER A 49 13.64 8.33 11.58
CA SER A 49 13.20 8.77 12.91
C SER A 49 11.69 8.72 13.06
N GLY A 50 11.23 8.74 14.31
CA GLY A 50 9.81 8.68 14.61
C GLY A 50 9.49 9.42 15.90
N ILE A 51 8.23 9.81 16.06
CA ILE A 51 7.80 10.55 17.24
C ILE A 51 6.36 10.18 17.63
N SER A 52 6.11 10.07 18.93
CA SER A 52 4.76 9.77 19.42
C SER A 52 3.83 10.96 19.23
N TRP A 53 2.54 10.73 19.47
CA TRP A 53 1.52 11.75 19.32
C TRP A 53 1.74 12.89 20.32
N ARG A 54 1.89 12.53 21.59
CA ARG A 54 2.08 13.51 22.66
C ARG A 54 3.43 14.22 22.55
N GLY A 55 4.39 13.58 21.87
CA GLY A 55 5.70 14.18 21.67
C GLY A 55 6.78 13.65 22.59
N ASP A 56 6.35 12.95 23.64
CA ASP A 56 7.25 12.44 24.68
C ASP A 56 8.29 11.46 24.17
N SER A 57 7.83 10.44 23.44
CA SER A 57 8.72 9.37 22.97
C SER A 57 9.18 9.59 21.55
N THR A 58 10.46 9.33 21.30
CA THR A 58 11.04 9.46 19.96
C THR A 58 11.95 8.28 19.67
N GLY A 59 12.35 8.13 18.42
CA GLY A 59 13.22 7.05 18.01
C GLY A 59 14.07 7.41 16.82
N TYR A 60 15.31 6.93 16.82
CA TYR A 60 16.25 7.24 15.75
C TYR A 60 16.96 5.98 15.27
N ALA A 61 17.27 5.95 13.98
CA ALA A 61 18.11 4.88 13.44
C ALA A 61 19.54 5.07 13.94
N ASP A 62 20.31 3.98 13.97
CA ASP A 62 21.69 4.05 14.47
C ASP A 62 22.57 4.95 13.61
N SER A 63 22.27 5.00 12.31
CA SER A 63 23.09 5.74 11.35
C SER A 63 22.97 7.25 11.51
N VAL A 64 21.98 7.69 12.28
CA VAL A 64 21.70 9.11 12.41
C VAL A 64 21.78 9.58 13.86
N LYS A 65 22.34 8.73 14.73
CA LYS A 65 22.43 9.03 16.15
C LYS A 65 23.17 10.33 16.45
N GLY A 66 22.55 11.18 17.29
CA GLY A 66 23.15 12.43 17.68
C GLY A 66 22.91 13.57 16.70
N ARG A 67 22.99 13.25 15.40
CA ARG A 67 22.87 14.24 14.35
C ARG A 67 21.44 14.78 14.20
N PHE A 68 20.50 13.87 13.93
CA PHE A 68 19.15 14.28 13.59
C PHE A 68 18.30 14.50 14.84
N THR A 69 17.26 15.32 14.70
CA THR A 69 16.33 15.59 15.80
C THR A 69 14.93 15.71 15.21
N ILE A 70 13.96 15.12 15.91
CA ILE A 70 12.58 15.14 15.43
C ILE A 70 11.69 15.89 16.43
N SER A 71 10.65 16.54 15.93
CA SER A 71 9.79 17.38 16.74
C SER A 71 8.48 17.63 16.01
N ARG A 72 7.43 17.97 16.76
CA ARG A 72 6.13 18.24 16.15
C ARG A 72 5.33 19.30 16.90
N ASP A 73 4.56 20.07 16.14
CA ASP A 73 3.66 21.08 16.69
C ASP A 73 2.25 20.74 16.23
N ASN A 74 1.53 19.96 17.04
CA ASN A 74 0.21 19.47 16.67
C ASN A 74 -0.84 20.57 16.46
N ALA A 75 -0.58 21.74 17.02
CA ALA A 75 -1.43 22.90 16.76
C ALA A 75 -1.25 23.33 15.32
N LYS A 76 0.00 23.41 14.88
CA LYS A 76 0.32 23.75 13.50
C LYS A 76 0.25 22.49 12.62
N ASN A 77 0.03 21.34 13.25
CA ASN A 77 -0.06 20.06 12.55
C ASN A 77 1.14 19.76 11.64
N THR A 78 2.34 19.90 12.21
CA THR A 78 3.56 19.69 11.46
C THR A 78 4.51 18.75 12.21
N VAL A 79 5.53 18.27 11.51
CA VAL A 79 6.59 17.48 12.12
C VAL A 79 7.89 17.70 11.36
N ASP A 80 8.91 18.17 12.06
CA ASP A 80 10.14 18.56 11.38
C ASP A 80 11.29 17.61 11.70
N LEU A 81 12.36 17.71 10.90
CA LEU A 81 13.53 16.88 11.10
C LEU A 81 14.83 17.67 10.90
N GLN A 82 15.44 18.11 11.99
CA GLN A 82 16.77 18.70 11.94
C GLN A 82 17.76 17.63 11.50
N MET A 83 18.68 18.00 10.63
CA MET A 83 19.63 17.05 10.09
C MET A 83 21.03 17.62 10.03
N ASN A 84 21.65 17.77 11.19
CA ASN A 84 22.99 18.36 11.28
C ASN A 84 24.09 17.37 10.92
N SER A 85 25.24 17.90 10.51
CA SER A 85 26.40 17.08 10.14
C SER A 85 26.09 16.07 9.04
N LEU A 86 25.50 16.55 7.96
CA LEU A 86 25.11 15.68 6.85
C LEU A 86 26.30 15.04 6.16
N LYS A 87 26.03 13.98 5.40
CA LYS A 87 27.07 13.23 4.72
C LYS A 87 26.44 12.59 3.49
N PRO A 88 27.24 12.38 2.43
CA PRO A 88 26.75 11.84 1.16
C PRO A 88 26.06 10.47 1.29
N GLU A 89 26.22 9.80 2.43
CA GLU A 89 25.51 8.55 2.69
C GLU A 89 24.06 8.85 3.03
N ASP A 90 23.79 10.08 3.47
CA ASP A 90 22.45 10.50 3.82
C ASP A 90 21.70 11.04 2.59
N THR A 91 22.28 10.86 1.41
CA THR A 91 21.63 11.29 0.18
C THR A 91 20.56 10.29 -0.23
N ALA A 92 19.30 10.74 -0.16
CA ALA A 92 18.15 9.90 -0.45
C ALA A 92 16.90 10.76 -0.54
N ILE A 93 15.81 10.17 -1.01
CA ILE A 93 14.50 10.81 -0.96
C ILE A 93 13.90 10.56 0.41
N TYR A 94 13.51 11.61 1.12
CA TYR A 94 12.98 11.47 2.48
C TYR A 94 11.46 11.58 2.52
N TYR A 95 10.81 10.58 3.09
CA TYR A 95 9.35 10.53 3.13
C TYR A 95 8.82 10.76 4.54
N CYS A 96 7.72 11.51 4.65
CA CYS A 96 7.02 11.68 5.91
C CYS A 96 5.87 10.67 5.97
N ALA A 97 5.72 9.99 7.11
CA ALA A 97 4.70 8.97 7.24
C ALA A 97 3.85 9.15 8.49
N ALA A 98 2.66 8.58 8.47
CA ALA A 98 1.75 8.66 9.62
C ALA A 98 1.18 7.29 9.98
N ALA A 99 1.14 7.00 11.28
CA ALA A 99 0.50 5.78 11.77
C ALA A 99 -0.57 6.14 12.80
N ALA A 100 -1.81 5.75 12.52
CA ALA A 100 -2.92 6.10 13.40
C ALA A 100 -2.81 5.42 14.77
N GLY A 101 -2.91 6.23 15.82
CA GLY A 101 -2.65 5.78 17.18
C GLY A 101 -1.62 6.71 17.80
N SER A 102 -1.17 6.39 19.01
CA SER A 102 -0.24 7.25 19.71
C SER A 102 1.22 6.93 19.39
N ALA A 103 1.49 5.65 19.15
CA ALA A 103 2.87 5.16 19.01
C ALA A 103 3.52 5.48 17.67
N TRP A 104 4.85 5.57 17.68
CA TRP A 104 5.64 5.58 16.45
C TRP A 104 6.23 4.18 16.26
N TYR A 105 6.60 3.84 15.04
CA TYR A 105 7.16 2.51 14.77
C TYR A 105 8.46 2.59 13.98
N GLY A 106 9.32 1.57 14.15
CA GLY A 106 10.63 1.56 13.51
C GLY A 106 10.66 0.86 12.16
N THR A 107 9.50 0.39 11.70
CA THR A 107 9.39 -0.22 10.38
C THR A 107 8.33 0.52 9.57
N LEU A 108 8.34 0.31 8.25
CA LEU A 108 7.38 1.00 7.37
C LEU A 108 6.04 0.28 7.31
N TYR A 109 6.01 -0.97 7.75
CA TYR A 109 4.82 -1.80 7.62
C TYR A 109 3.66 -1.37 8.53
N GLU A 110 3.93 -0.41 9.42
CA GLU A 110 2.93 0.02 10.39
C GLU A 110 2.33 1.39 10.05
N TYR A 111 2.93 2.07 9.09
CA TYR A 111 2.46 3.40 8.71
C TYR A 111 1.33 3.36 7.71
N ASP A 112 0.32 4.21 7.94
CA ASP A 112 -0.91 4.18 7.17
C ASP A 112 -0.89 5.21 6.04
N TYR A 113 -0.23 6.33 6.26
CA TYR A 113 -0.16 7.37 5.23
C TYR A 113 1.27 7.80 4.92
N TRP A 114 1.50 8.17 3.66
CA TRP A 114 2.82 8.56 3.20
C TRP A 114 2.75 9.82 2.35
N GLY A 115 3.80 10.64 2.43
CA GLY A 115 3.91 11.80 1.56
C GLY A 115 4.52 11.37 0.23
N GLN A 116 4.73 12.34 -0.66
CA GLN A 116 5.34 12.02 -1.95
C GLN A 116 6.86 11.99 -1.84
N GLY A 117 7.39 12.73 -0.85
CA GLY A 117 8.82 12.68 -0.57
C GLY A 117 9.61 13.83 -1.16
N THR A 118 10.68 14.22 -0.47
CA THR A 118 11.59 15.25 -0.96
C THR A 118 12.99 14.67 -1.16
N GLN A 119 13.66 15.08 -2.23
CA GLN A 119 15.03 14.67 -2.47
C GLN A 119 16.01 15.45 -1.59
N VAL A 120 16.99 14.75 -1.04
CA VAL A 120 18.06 15.38 -0.27
C VAL A 120 19.39 14.88 -0.80
N THR A 121 20.18 15.77 -1.39
CA THR A 121 21.48 15.41 -1.93
C THR A 121 22.61 16.10 -1.17
N VAL A 122 23.63 15.33 -0.82
CA VAL A 122 24.79 15.86 -0.09
C VAL A 122 26.07 15.55 -0.84
N LEU B 1 -30.53 -18.12 -10.02
CA LEU B 1 -30.85 -16.77 -9.54
C LEU B 1 -29.58 -16.02 -9.13
N GLU B 2 -29.37 -14.84 -9.70
CA GLU B 2 -28.20 -14.03 -9.40
C GLU B 2 -28.56 -12.82 -8.54
N GLU B 3 -27.96 -12.72 -7.37
CA GLU B 3 -28.19 -11.60 -6.48
C GLU B 3 -27.01 -10.63 -6.47
N LYS B 4 -27.32 -9.34 -6.54
CA LYS B 4 -26.29 -8.30 -6.49
C LYS B 4 -26.60 -7.32 -5.36
N LYS B 5 -25.57 -6.62 -4.90
CA LYS B 5 -25.73 -5.63 -3.86
C LYS B 5 -24.59 -4.64 -3.93
N VAL B 6 -24.92 -3.36 -3.95
CA VAL B 6 -23.92 -2.30 -4.05
C VAL B 6 -23.71 -1.68 -2.68
N CYS B 7 -22.45 -1.56 -2.29
CA CYS B 7 -22.10 -0.98 -1.00
C CYS B 7 -21.13 0.16 -1.20
N ASN B 8 -21.28 1.22 -0.42
CA ASN B 8 -20.34 2.33 -0.46
C ASN B 8 -18.95 1.88 -0.05
N GLY B 9 -17.92 2.58 -0.52
CA GLY B 9 -16.56 2.25 -0.19
C GLY B 9 -16.07 3.04 1.01
N ILE B 10 -14.78 2.96 1.28
CA ILE B 10 -14.17 3.70 2.39
C ILE B 10 -14.03 5.18 2.03
N GLY B 11 -14.42 6.07 2.94
CA GLY B 11 -14.40 7.49 2.68
C GLY B 11 -15.73 8.00 2.14
N ILE B 12 -16.76 7.17 2.21
CA ILE B 12 -18.08 7.50 1.69
C ILE B 12 -19.19 6.92 2.57
N GLY B 13 -20.23 7.70 2.84
CA GLY B 13 -21.42 7.21 3.53
C GLY B 13 -21.17 6.74 4.95
N GLU B 14 -21.57 5.50 5.23
CA GLU B 14 -21.39 4.90 6.55
C GLU B 14 -19.93 4.92 6.98
N PHE B 15 -19.03 5.03 6.01
CA PHE B 15 -17.60 4.98 6.27
C PHE B 15 -16.89 6.22 5.76
N LYS B 16 -17.53 7.37 5.92
CA LYS B 16 -16.94 8.64 5.51
C LYS B 16 -15.68 8.95 6.31
N ASP B 17 -15.67 8.55 7.58
CA ASP B 17 -14.59 8.91 8.48
C ASP B 17 -13.66 7.74 8.83
N SER B 18 -13.86 6.61 8.15
CA SER B 18 -13.02 5.44 8.40
C SER B 18 -11.73 5.47 7.57
N LEU B 19 -10.61 5.15 8.21
CA LEU B 19 -9.32 5.15 7.55
C LEU B 19 -9.13 3.93 6.66
N SER B 20 -9.63 2.80 7.14
CA SER B 20 -9.45 1.54 6.45
C SER B 20 -10.61 0.61 6.77
N ILE B 21 -10.68 -0.50 6.06
CA ILE B 21 -11.58 -1.58 6.43
C ILE B 21 -11.13 -2.12 7.77
N ASN B 22 -12.03 -2.13 8.75
CA ASN B 22 -11.67 -2.60 10.08
C ASN B 22 -12.67 -3.61 10.64
N ALA B 23 -12.40 -4.08 11.85
CA ALA B 23 -13.21 -5.12 12.49
C ALA B 23 -14.68 -4.71 12.67
N THR B 24 -14.92 -3.41 12.78
CA THR B 24 -16.28 -2.89 12.94
C THR B 24 -17.05 -2.92 11.62
N ASN B 25 -16.51 -2.25 10.61
CA ASN B 25 -17.24 -2.03 9.36
C ASN B 25 -17.29 -3.22 8.39
N ILE B 26 -16.36 -4.16 8.52
CA ILE B 26 -16.27 -5.28 7.58
C ILE B 26 -17.54 -6.14 7.61
N LYS B 27 -18.24 -6.11 8.73
CA LYS B 27 -19.52 -6.81 8.87
C LYS B 27 -20.53 -6.26 7.87
N HIS B 28 -20.44 -4.96 7.61
CA HIS B 28 -21.37 -4.28 6.71
C HIS B 28 -21.06 -4.51 5.23
N PHE B 29 -19.95 -5.18 4.95
CA PHE B 29 -19.61 -5.52 3.58
C PHE B 29 -20.10 -6.91 3.20
N LYS B 30 -20.84 -7.53 4.12
CA LYS B 30 -21.42 -8.84 3.86
C LYS B 30 -22.45 -8.75 2.74
N ASN B 31 -22.39 -9.69 1.81
CA ASN B 31 -23.27 -9.77 0.64
C ASN B 31 -23.02 -8.73 -0.45
N CYS B 32 -21.98 -7.92 -0.31
CA CYS B 32 -21.68 -6.90 -1.32
C CYS B 32 -21.03 -7.53 -2.55
N THR B 33 -21.52 -7.16 -3.73
CA THR B 33 -20.95 -7.64 -4.98
C THR B 33 -20.21 -6.50 -5.66
N SER B 34 -20.61 -5.28 -5.33
CA SER B 34 -20.08 -4.10 -6.00
C SER B 34 -19.76 -3.00 -5.00
N ILE B 35 -18.57 -2.43 -5.11
CA ILE B 35 -18.18 -1.33 -4.24
C ILE B 35 -18.23 -0.01 -4.99
N SER B 36 -19.20 0.83 -4.65
CA SER B 36 -19.24 2.17 -5.20
C SER B 36 -18.30 3.05 -4.41
N GLY B 37 -17.09 3.21 -4.91
CA GLY B 37 -16.05 3.96 -4.21
C GLY B 37 -14.76 3.16 -4.18
N ASP B 38 -13.96 3.38 -3.15
CA ASP B 38 -12.63 2.78 -3.06
C ASP B 38 -12.53 1.78 -1.91
N LEU B 39 -11.52 0.91 -1.97
CA LEU B 39 -11.15 0.07 -0.82
C LEU B 39 -9.74 0.40 -0.35
N HIS B 40 -9.63 0.80 0.91
CA HIS B 40 -8.34 0.94 1.57
C HIS B 40 -8.19 -0.19 2.58
N ILE B 41 -7.03 -0.85 2.58
CA ILE B 41 -6.70 -1.80 3.64
C ILE B 41 -5.35 -1.40 4.22
N LEU B 42 -5.38 -0.75 5.38
CA LEU B 42 -4.17 -0.17 5.97
C LEU B 42 -3.72 -0.94 7.22
N PRO B 43 -2.45 -0.73 7.64
CA PRO B 43 -1.91 -1.34 8.86
C PRO B 43 -2.80 -1.24 10.09
N VAL B 44 -3.55 -0.15 10.25
CA VAL B 44 -4.46 -0.01 11.41
C VAL B 44 -5.47 -1.14 11.51
N ALA B 45 -5.88 -1.68 10.36
CA ALA B 45 -6.89 -2.74 10.32
C ALA B 45 -6.51 -3.87 11.26
N PHE B 46 -5.28 -4.34 11.14
CA PHE B 46 -4.82 -5.51 11.88
C PHE B 46 -4.25 -5.14 13.25
N ARG B 47 -3.89 -3.87 13.40
CA ARG B 47 -3.30 -3.37 14.63
C ARG B 47 -4.37 -3.02 15.66
N GLY B 48 -5.53 -2.61 15.16
CA GLY B 48 -6.58 -2.09 16.02
C GLY B 48 -6.39 -0.60 16.25
N ASP B 49 -7.42 0.05 16.78
CA ASP B 49 -7.34 1.48 17.04
C ASP B 49 -8.17 1.88 18.24
N SER B 50 -7.49 2.24 19.34
CA SER B 50 -8.16 2.67 20.55
C SER B 50 -9.01 3.90 20.28
N PHE B 51 -8.39 4.90 19.67
CA PHE B 51 -9.00 6.20 19.45
C PHE B 51 -10.41 6.11 18.89
N THR B 52 -10.65 5.14 18.02
CA THR B 52 -11.96 4.95 17.41
C THR B 52 -12.64 3.70 17.95
N HIS B 53 -12.15 3.22 19.08
CA HIS B 53 -12.72 2.03 19.74
C HIS B 53 -12.84 0.86 18.78
N THR B 54 -11.82 0.70 17.94
CA THR B 54 -11.84 -0.34 16.94
C THR B 54 -10.87 -1.46 17.30
N PRO B 55 -11.41 -2.68 17.47
CA PRO B 55 -10.57 -3.86 17.73
C PRO B 55 -9.71 -4.16 16.52
N PRO B 56 -8.61 -4.90 16.72
CA PRO B 56 -7.83 -5.37 15.57
C PRO B 56 -8.67 -6.29 14.70
N LEU B 57 -8.35 -6.38 13.41
CA LEU B 57 -9.14 -7.17 12.48
C LEU B 57 -8.71 -8.63 12.43
N ASP B 58 -9.69 -9.53 12.54
CA ASP B 58 -9.44 -10.96 12.41
C ASP B 58 -9.28 -11.30 10.93
N PRO B 59 -8.12 -11.85 10.55
CA PRO B 59 -7.83 -12.19 9.15
C PRO B 59 -8.88 -13.08 8.48
N GLN B 60 -9.64 -13.84 9.27
CA GLN B 60 -10.69 -14.68 8.69
C GLN B 60 -11.86 -13.84 8.19
N GLU B 61 -12.03 -12.66 8.78
CA GLU B 61 -13.11 -11.75 8.40
C GLU B 61 -12.95 -11.21 6.98
N LEU B 62 -11.75 -11.31 6.42
CA LEU B 62 -11.51 -10.86 5.06
C LEU B 62 -12.20 -11.76 4.03
N ASP B 63 -12.67 -12.92 4.47
CA ASP B 63 -13.43 -13.83 3.60
C ASP B 63 -14.74 -13.19 3.17
N ILE B 64 -15.19 -12.18 3.92
CA ILE B 64 -16.41 -11.44 3.63
C ILE B 64 -16.30 -10.72 2.26
N LEU B 65 -15.08 -10.40 1.86
CA LEU B 65 -14.85 -9.65 0.63
C LEU B 65 -14.91 -10.50 -0.64
N LYS B 66 -15.08 -11.81 -0.47
CA LYS B 66 -15.06 -12.75 -1.59
C LYS B 66 -16.24 -12.58 -2.54
N THR B 67 -17.29 -11.92 -2.08
CA THR B 67 -18.48 -11.68 -2.89
C THR B 67 -18.28 -10.50 -3.86
N VAL B 68 -17.29 -9.66 -3.56
CA VAL B 68 -17.04 -8.46 -4.35
C VAL B 68 -16.47 -8.76 -5.74
N LYS B 69 -17.26 -8.47 -6.77
CA LYS B 69 -16.83 -8.67 -8.15
C LYS B 69 -16.43 -7.38 -8.82
N GLU B 70 -16.82 -6.25 -8.23
CA GLU B 70 -16.60 -4.95 -8.86
C GLU B 70 -16.28 -3.81 -7.89
N ILE B 71 -15.25 -3.04 -8.23
CA ILE B 71 -14.90 -1.80 -7.54
C ILE B 71 -14.90 -0.65 -8.55
N THR B 72 -15.74 0.35 -8.32
CA THR B 72 -15.85 1.47 -9.26
C THR B 72 -14.69 2.45 -9.09
N GLY B 73 -14.13 2.50 -7.89
CA GLY B 73 -12.99 3.35 -7.60
C GLY B 73 -11.67 2.62 -7.67
N PHE B 74 -10.87 2.70 -6.61
CA PHE B 74 -9.57 2.01 -6.59
C PHE B 74 -9.43 0.99 -5.46
N LEU B 75 -8.48 0.06 -5.64
CA LEU B 75 -8.18 -0.93 -4.61
C LEU B 75 -6.79 -0.70 -4.05
N LEU B 76 -6.73 -0.34 -2.76
CA LEU B 76 -5.44 -0.08 -2.10
C LEU B 76 -5.19 -1.07 -0.96
N ILE B 77 -4.19 -1.93 -1.14
CA ILE B 77 -3.83 -2.89 -0.11
C ILE B 77 -2.41 -2.59 0.38
N GLN B 78 -2.33 -2.01 1.58
CA GLN B 78 -1.06 -1.54 2.13
C GLN B 78 -0.68 -2.39 3.34
N ALA B 79 -1.54 -3.36 3.65
CA ALA B 79 -1.30 -4.29 4.75
C ALA B 79 -2.08 -5.57 4.47
N TRP B 80 -1.61 -6.67 5.03
CA TRP B 80 -2.24 -7.97 4.82
C TRP B 80 -1.71 -8.91 5.89
N PRO B 81 -2.53 -9.89 6.31
CA PRO B 81 -2.06 -10.88 7.29
C PRO B 81 -0.84 -11.66 6.81
N GLU B 82 0.19 -11.72 7.65
CA GLU B 82 1.47 -12.31 7.24
C GLU B 82 1.38 -13.80 6.92
N ASN B 83 0.47 -14.51 7.59
CA ASN B 83 0.30 -15.94 7.38
C ASN B 83 -0.58 -16.27 6.17
N ARG B 84 -0.75 -15.30 5.28
CA ARG B 84 -1.45 -15.54 4.02
C ARG B 84 -0.57 -15.22 2.82
N THR B 85 -0.68 -16.05 1.78
CA THR B 85 0.26 -16.05 0.67
C THR B 85 -0.22 -15.27 -0.55
N ASP B 86 -1.53 -15.07 -0.64
CA ASP B 86 -2.10 -14.29 -1.75
C ASP B 86 -3.27 -13.40 -1.32
N LEU B 87 -3.79 -12.62 -2.25
CA LEU B 87 -4.98 -11.80 -2.01
C LEU B 87 -6.19 -12.67 -2.30
N HIS B 88 -6.34 -13.72 -1.50
CA HIS B 88 -7.42 -14.70 -1.65
C HIS B 88 -8.80 -14.07 -1.54
N ALA B 89 -8.92 -13.04 -0.70
CA ALA B 89 -10.20 -12.40 -0.42
C ALA B 89 -10.79 -11.78 -1.68
N PHE B 90 -9.93 -11.51 -2.66
CA PHE B 90 -10.34 -10.86 -3.90
C PHE B 90 -10.24 -11.81 -5.09
N GLU B 91 -10.33 -13.11 -4.83
CA GLU B 91 -10.21 -14.10 -5.89
C GLU B 91 -11.33 -14.01 -6.91
N ASN B 92 -12.42 -13.36 -6.53
CA ASN B 92 -13.58 -13.21 -7.39
C ASN B 92 -13.76 -11.78 -7.92
N LEU B 93 -12.74 -10.95 -7.72
CA LEU B 93 -12.77 -9.56 -8.21
C LEU B 93 -12.58 -9.53 -9.71
N GLU B 94 -13.54 -8.97 -10.43
CA GLU B 94 -13.52 -9.03 -11.90
C GLU B 94 -13.16 -7.70 -12.56
N ILE B 95 -13.64 -6.59 -11.99
CA ILE B 95 -13.47 -5.28 -12.61
C ILE B 95 -13.06 -4.20 -11.62
N ILE B 96 -12.08 -3.37 -12.00
CA ILE B 96 -11.74 -2.15 -11.28
C ILE B 96 -11.83 -1.00 -12.26
N ARG B 97 -12.80 -0.10 -12.05
CA ARG B 97 -13.08 0.94 -13.04
C ARG B 97 -12.15 2.14 -12.91
N GLY B 98 -11.58 2.33 -11.73
CA GLY B 98 -10.66 3.42 -11.48
C GLY B 98 -11.23 4.79 -11.81
N ARG B 99 -12.50 5.00 -11.48
CA ARG B 99 -13.12 6.31 -11.68
C ARG B 99 -12.54 7.30 -10.70
N THR B 100 -12.27 6.82 -9.49
CA THR B 100 -11.45 7.57 -8.54
C THR B 100 -10.14 6.82 -8.40
N LYS B 101 -9.04 7.56 -8.29
CA LYS B 101 -7.72 6.94 -8.23
C LYS B 101 -6.95 7.40 -7.01
N GLN B 102 -5.96 6.62 -6.59
CA GLN B 102 -5.13 6.96 -5.45
C GLN B 102 -4.10 7.99 -5.89
N HIS B 103 -4.09 9.14 -5.20
CA HIS B 103 -3.29 10.30 -5.61
C HIS B 103 -3.65 10.73 -7.03
N GLY B 104 -4.89 10.43 -7.42
CA GLY B 104 -5.37 10.71 -8.76
C GLY B 104 -4.60 9.97 -9.85
N GLN B 105 -4.04 8.81 -9.51
CA GLN B 105 -3.19 8.08 -10.43
C GLN B 105 -3.43 6.56 -10.48
N PHE B 106 -3.46 5.92 -9.32
CA PHE B 106 -3.54 4.46 -9.27
C PHE B 106 -4.92 3.90 -8.99
N SER B 107 -5.32 2.91 -9.78
CA SER B 107 -6.61 2.23 -9.59
C SER B 107 -6.40 0.92 -8.86
N LEU B 108 -5.19 0.38 -8.98
CA LEU B 108 -4.81 -0.81 -8.23
C LEU B 108 -3.45 -0.59 -7.60
N ALA B 109 -3.41 -0.64 -6.27
CA ALA B 109 -2.16 -0.45 -5.53
C ALA B 109 -1.95 -1.58 -4.53
N VAL B 110 -0.90 -2.38 -4.76
CA VAL B 110 -0.52 -3.44 -3.83
C VAL B 110 0.89 -3.14 -3.33
N VAL B 111 1.00 -2.76 -2.06
CA VAL B 111 2.26 -2.23 -1.54
C VAL B 111 2.69 -2.88 -0.22
N SER B 112 3.98 -3.21 -0.12
CA SER B 112 4.61 -3.61 1.14
C SER B 112 3.98 -4.79 1.87
N LEU B 113 3.64 -5.84 1.13
CA LEU B 113 3.06 -7.05 1.72
C LEU B 113 4.06 -8.21 1.68
N ASN B 114 3.75 -9.28 2.40
CA ASN B 114 4.61 -10.47 2.41
C ASN B 114 4.00 -11.63 1.62
N ILE B 115 3.11 -11.30 0.69
CA ILE B 115 2.47 -12.31 -0.16
C ILE B 115 3.46 -12.88 -1.18
N THR B 116 3.19 -14.10 -1.65
CA THR B 116 4.03 -14.76 -2.63
C THR B 116 3.45 -14.61 -4.04
N SER B 117 2.12 -14.46 -4.10
CA SER B 117 1.43 -14.26 -5.38
C SER B 117 0.25 -13.31 -5.20
N LEU B 118 -0.32 -12.84 -6.31
CA LEU B 118 -1.45 -11.92 -6.27
C LEU B 118 -2.80 -12.62 -6.10
N GLY B 119 -3.05 -13.65 -6.92
CA GLY B 119 -4.25 -14.44 -6.79
C GLY B 119 -5.50 -13.78 -7.33
N LEU B 120 -5.32 -12.69 -8.07
CA LEU B 120 -6.45 -11.95 -8.63
C LEU B 120 -6.91 -12.61 -9.93
N ARG B 121 -7.30 -13.88 -9.82
CA ARG B 121 -7.56 -14.71 -11.00
C ARG B 121 -8.83 -14.37 -11.78
N SER B 122 -9.80 -13.74 -11.13
CA SER B 122 -11.04 -13.35 -11.80
C SER B 122 -10.93 -11.96 -12.42
N LEU B 123 -9.80 -11.31 -12.22
CA LEU B 123 -9.59 -9.96 -12.71
C LEU B 123 -9.40 -9.94 -14.21
N LYS B 124 -10.26 -9.22 -14.91
CA LYS B 124 -10.27 -9.23 -16.37
C LYS B 124 -10.25 -7.82 -16.96
N GLU B 125 -10.58 -6.81 -16.15
CA GLU B 125 -10.62 -5.43 -16.64
C GLU B 125 -10.21 -4.38 -15.60
N ILE B 126 -9.34 -3.46 -16.01
CA ILE B 126 -9.03 -2.27 -15.24
C ILE B 126 -9.30 -1.07 -16.15
N SER B 127 -10.53 -0.54 -16.08
CA SER B 127 -11.02 0.45 -17.04
C SER B 127 -10.15 1.70 -17.13
N ASP B 128 -9.62 2.15 -16.00
CA ASP B 128 -8.83 3.36 -15.97
C ASP B 128 -7.83 3.29 -14.82
N GLY B 129 -6.87 4.21 -14.83
CA GLY B 129 -5.90 4.30 -13.74
C GLY B 129 -4.68 3.42 -13.93
N ASP B 130 -3.60 3.74 -13.23
CA ASP B 130 -2.39 2.96 -13.33
C ASP B 130 -2.34 1.87 -12.27
N VAL B 131 -1.37 0.96 -12.41
CA VAL B 131 -1.22 -0.15 -11.48
C VAL B 131 0.16 -0.07 -10.85
N ILE B 132 0.21 0.08 -9.53
CA ILE B 132 1.49 0.03 -8.82
C ILE B 132 1.54 -1.21 -7.93
N ILE B 133 2.56 -2.04 -8.16
CA ILE B 133 2.79 -3.20 -7.32
C ILE B 133 4.23 -3.14 -6.84
N SER B 134 4.43 -2.63 -5.63
CA SER B 134 5.75 -2.24 -5.17
C SER B 134 6.04 -2.64 -3.73
N GLY B 135 7.27 -3.09 -3.48
CA GLY B 135 7.72 -3.32 -2.12
C GLY B 135 7.31 -4.65 -1.50
N ASN B 136 6.97 -5.62 -2.34
CA ASN B 136 6.56 -6.92 -1.85
C ASN B 136 7.68 -7.95 -1.97
N LYS B 137 8.50 -8.06 -0.93
CA LYS B 137 9.74 -8.84 -0.94
C LYS B 137 9.62 -10.28 -1.45
N ASN B 138 8.49 -10.93 -1.16
CA ASN B 138 8.32 -12.33 -1.53
C ASN B 138 7.43 -12.55 -2.75
N LEU B 139 7.07 -11.47 -3.42
CA LEU B 139 6.09 -11.54 -4.50
C LEU B 139 6.66 -11.94 -5.85
N CYS B 140 6.12 -13.01 -6.43
CA CYS B 140 6.50 -13.44 -7.76
C CYS B 140 5.31 -13.29 -8.70
N TYR B 141 5.45 -13.82 -9.91
CA TYR B 141 4.36 -13.89 -10.89
C TYR B 141 3.92 -12.52 -11.45
N ALA B 142 4.21 -11.45 -10.74
CA ALA B 142 3.70 -10.12 -11.08
C ALA B 142 4.26 -9.60 -12.40
N ASN B 143 5.50 -9.98 -12.72
CA ASN B 143 6.17 -9.52 -13.93
C ASN B 143 5.69 -10.22 -15.19
N THR B 144 5.01 -11.35 -15.03
CA THR B 144 4.61 -12.18 -16.16
C THR B 144 3.36 -11.66 -16.86
N ILE B 145 2.58 -10.86 -16.14
CA ILE B 145 1.25 -10.45 -16.62
C ILE B 145 1.26 -9.51 -17.82
N ASN B 146 0.41 -9.84 -18.79
CA ASN B 146 0.15 -9.02 -19.96
C ASN B 146 -0.89 -7.96 -19.58
N TRP B 147 -0.44 -6.81 -19.09
CA TRP B 147 -1.36 -5.79 -18.56
C TRP B 147 -2.20 -5.10 -19.62
N LYS B 148 -1.78 -5.19 -20.88
CA LYS B 148 -2.52 -4.62 -21.99
C LYS B 148 -3.84 -5.38 -22.21
N LYS B 149 -3.86 -6.62 -21.75
CA LYS B 149 -5.05 -7.47 -21.89
C LYS B 149 -6.13 -7.02 -20.92
N LEU B 150 -5.72 -6.24 -19.91
CA LEU B 150 -6.61 -5.84 -18.82
C LEU B 150 -7.00 -4.36 -18.86
N PHE B 151 -6.15 -3.55 -19.46
CA PHE B 151 -6.36 -2.09 -19.49
C PHE B 151 -7.51 -1.68 -20.42
N GLY B 152 -8.01 -0.46 -20.23
CA GLY B 152 -9.07 0.07 -21.08
C GLY B 152 -8.57 1.15 -22.01
N THR B 153 -7.60 1.94 -21.53
CA THR B 153 -7.07 3.05 -22.30
C THR B 153 -5.56 2.90 -22.57
N SER B 154 -5.10 3.48 -23.67
CA SER B 154 -3.71 3.30 -24.14
C SER B 154 -2.66 3.91 -23.23
N GLY B 155 -3.07 4.92 -22.45
CA GLY B 155 -2.13 5.64 -21.60
C GLY B 155 -1.81 4.95 -20.29
N GLN B 156 -2.62 3.96 -19.93
CA GLN B 156 -2.42 3.24 -18.66
C GLN B 156 -1.08 2.54 -18.59
N LYS B 157 -0.30 2.86 -17.56
CA LYS B 157 1.00 2.24 -17.37
C LYS B 157 1.08 1.45 -16.06
N THR B 158 2.30 1.08 -15.69
CA THR B 158 2.51 0.12 -14.63
C THR B 158 3.80 0.45 -13.89
N LYS B 159 3.76 0.39 -12.57
CA LYS B 159 4.95 0.55 -11.76
C LYS B 159 5.18 -0.68 -10.90
N ILE B 160 5.79 -1.71 -11.47
CA ILE B 160 6.12 -2.93 -10.73
C ILE B 160 7.62 -3.01 -10.42
N ILE B 161 7.97 -2.68 -9.17
CA ILE B 161 9.36 -2.66 -8.74
C ILE B 161 9.52 -3.06 -7.27
N SER B 162 10.76 -3.38 -6.88
CA SER B 162 11.10 -3.68 -5.49
C SER B 162 10.35 -4.89 -4.93
N ASN B 163 10.03 -5.85 -5.78
CA ASN B 163 9.45 -7.09 -5.30
C ASN B 163 10.54 -8.17 -5.28
N ARG B 164 10.15 -9.44 -5.36
CA ARG B 164 11.13 -10.50 -5.49
C ARG B 164 11.72 -10.47 -6.89
N GLY B 165 13.04 -10.62 -6.98
CA GLY B 165 13.71 -10.63 -8.27
C GLY B 165 13.31 -11.80 -9.11
N GLU B 166 13.16 -11.58 -10.42
CA GLU B 166 12.77 -12.64 -11.35
C GLU B 166 13.82 -13.75 -11.37
N ASN B 167 15.04 -13.39 -10.98
CA ASN B 167 16.10 -14.35 -10.75
C ASN B 167 15.68 -15.40 -9.72
N SER B 168 15.30 -14.93 -8.54
CA SER B 168 14.90 -15.81 -7.44
C SER B 168 13.60 -16.53 -7.74
N CYS B 169 12.66 -15.84 -8.36
CA CYS B 169 11.35 -16.40 -8.69
C CYS B 169 11.48 -17.62 -9.59
N LYS B 170 12.30 -17.49 -10.63
CA LYS B 170 12.56 -18.58 -11.56
C LYS B 170 13.36 -19.69 -10.89
N ALA B 171 14.34 -19.30 -10.08
CA ALA B 171 15.18 -20.25 -9.37
C ALA B 171 14.40 -21.08 -8.35
N THR B 172 13.35 -20.49 -7.80
CA THR B 172 12.55 -21.15 -6.76
C THR B 172 11.37 -21.90 -7.38
N GLY B 173 11.28 -21.87 -8.70
CA GLY B 173 10.21 -22.54 -9.41
C GLY B 173 8.89 -21.81 -9.28
N GLN B 174 8.95 -20.55 -8.85
CA GLN B 174 7.75 -19.73 -8.70
C GLN B 174 7.44 -19.01 -10.00
N VAL B 175 7.00 -19.77 -10.99
CA VAL B 175 6.70 -19.24 -12.31
C VAL B 175 5.37 -19.80 -12.79
N CYS B 176 4.94 -19.36 -13.97
CA CYS B 176 3.62 -19.74 -14.48
C CYS B 176 3.58 -21.21 -14.89
N HIS B 177 2.43 -21.84 -14.64
CA HIS B 177 2.21 -23.25 -14.99
C HIS B 177 2.43 -23.48 -16.48
N ALA B 178 2.72 -24.72 -16.84
CA ALA B 178 3.02 -25.08 -18.22
C ALA B 178 1.80 -24.93 -19.13
N LEU B 179 0.61 -25.03 -18.53
CA LEU B 179 -0.64 -24.90 -19.27
C LEU B 179 -0.97 -23.45 -19.60
N CYS B 180 -0.39 -22.52 -18.84
CA CYS B 180 -0.59 -21.10 -19.07
C CYS B 180 -0.09 -20.68 -20.45
N SER B 181 -0.72 -19.65 -21.01
CA SER B 181 -0.25 -19.04 -22.24
C SER B 181 0.92 -18.12 -21.90
N PRO B 182 1.52 -17.47 -22.92
CA PRO B 182 2.53 -16.46 -22.57
C PRO B 182 1.94 -15.18 -21.97
N GLU B 183 0.64 -15.14 -21.72
CA GLU B 183 -0.01 -13.94 -21.21
C GLU B 183 0.16 -13.76 -19.70
N GLY B 184 0.87 -14.70 -19.07
CA GLY B 184 1.21 -14.58 -17.67
C GLY B 184 0.27 -15.33 -16.74
N CYS B 185 0.45 -15.10 -15.44
CA CYS B 185 -0.36 -15.77 -14.42
C CYS B 185 -0.44 -14.95 -13.14
N TRP B 186 -1.42 -15.28 -12.31
CA TRP B 186 -1.56 -14.67 -11.00
C TRP B 186 -0.96 -15.57 -9.94
N GLY B 187 -0.43 -16.71 -10.39
CA GLY B 187 0.13 -17.70 -9.49
C GLY B 187 0.57 -18.98 -10.21
N PRO B 188 1.04 -19.97 -9.43
CA PRO B 188 1.60 -21.23 -9.93
C PRO B 188 0.56 -22.23 -10.44
N GLU B 189 -0.69 -22.09 -10.00
CA GLU B 189 -1.75 -23.02 -10.36
C GLU B 189 -2.26 -22.81 -11.79
N PRO B 190 -2.91 -23.84 -12.37
CA PRO B 190 -3.51 -23.71 -13.70
C PRO B 190 -4.76 -22.82 -13.71
N ARG B 191 -5.36 -22.61 -12.53
CA ARG B 191 -6.49 -21.69 -12.42
C ARG B 191 -6.00 -20.26 -12.39
N ASP B 192 -4.69 -20.10 -12.23
CA ASP B 192 -4.07 -18.78 -12.12
C ASP B 192 -3.60 -18.26 -13.48
N CYS B 193 -3.80 -19.06 -14.53
CA CYS B 193 -3.44 -18.64 -15.87
C CYS B 193 -4.33 -17.49 -16.33
N VAL B 194 -3.73 -16.46 -16.90
CA VAL B 194 -4.47 -15.36 -17.51
C VAL B 194 -5.34 -15.94 -18.63
N SER B 195 -4.72 -16.82 -19.43
CA SER B 195 -5.42 -17.54 -20.48
C SER B 195 -4.73 -18.87 -20.75
N CYS B 196 -5.43 -19.79 -21.41
CA CYS B 196 -4.92 -21.13 -21.62
C CYS B 196 -4.38 -21.33 -23.05
N ARG B 197 -3.35 -22.16 -23.19
CA ARG B 197 -2.72 -22.39 -24.48
C ARG B 197 -3.48 -23.39 -25.35
N ASN B 198 -4.09 -24.38 -24.72
CA ASN B 198 -4.85 -25.41 -25.43
C ASN B 198 -6.35 -25.23 -25.28
N VAL B 199 -6.91 -25.81 -24.22
CA VAL B 199 -8.34 -25.70 -23.96
C VAL B 199 -8.60 -25.47 -22.47
N SER B 200 -9.85 -25.21 -22.13
CA SER B 200 -10.25 -25.00 -20.74
C SER B 200 -11.76 -25.22 -20.58
N ARG B 201 -12.13 -26.14 -19.70
CA ARG B 201 -13.54 -26.40 -19.41
C ARG B 201 -14.17 -25.19 -18.73
N GLY B 202 -13.33 -24.40 -18.06
CA GLY B 202 -13.77 -23.19 -17.40
C GLY B 202 -12.59 -22.36 -16.92
N ARG B 203 -12.51 -22.16 -15.60
CA ARG B 203 -11.40 -21.44 -15.00
C ARG B 203 -10.09 -22.21 -15.19
N GLU B 204 -10.13 -23.49 -14.84
CA GLU B 204 -8.97 -24.37 -15.00
C GLU B 204 -8.75 -24.70 -16.48
N CYS B 205 -7.49 -24.66 -16.90
CA CYS B 205 -7.13 -24.96 -18.28
C CYS B 205 -7.39 -26.44 -18.61
C1 NAG C . -13.48 1.51 11.71
C2 NAG C . -12.99 2.94 11.88
C3 NAG C . -13.91 3.71 12.82
C4 NAG C . -15.36 3.58 12.39
C5 NAG C . -15.72 2.11 12.14
C6 NAG C . -17.10 1.94 11.53
C7 NAG C . -10.54 3.12 11.61
C8 NAG C . -9.21 3.11 12.31
N2 NAG C . -11.61 2.96 12.39
O3 NAG C . -13.52 5.08 12.82
O4 NAG C . -16.21 4.06 13.42
O5 NAG C . -14.80 1.53 11.22
O6 NAG C . -17.28 2.80 10.41
O7 NAG C . -10.64 3.25 10.40
C1 NAG C . -16.70 5.40 13.20
C2 NAG C . -17.91 5.61 14.11
C3 NAG C . -18.45 7.03 13.98
C4 NAG C . -17.34 8.05 14.18
C5 NAG C . -16.16 7.74 13.26
C6 NAG C . -14.97 8.63 13.52
C7 NAG C . -19.09 3.48 14.46
C8 NAG C . -20.22 2.60 14.01
N2 NAG C . -18.95 4.64 13.81
O3 NAG C . -19.46 7.24 14.96
O4 NAG C . -17.83 9.36 13.92
O5 NAG C . -15.71 6.39 13.49
O6 NAG C . -14.25 8.20 14.66
O7 NAG C . -18.33 3.15 15.37
O1 MES D . 4.70 5.27 22.10
C2 MES D . 5.86 5.67 21.36
C3 MES D . 6.88 4.55 21.28
N4 MES D . 6.09 3.34 21.16
C5 MES D . 5.26 2.94 22.29
C6 MES D . 4.96 4.23 23.04
C7 MES D . 6.46 2.34 20.18
C8 MES D . 7.67 1.60 20.72
S MES D . 8.28 0.63 19.51
O1S MES D . 7.18 -0.09 18.83
O2S MES D . 9.23 -0.34 20.09
O3S MES D . 9.01 1.47 18.54
C1 NAG E . -26.39 -11.54 3.82
C2 NAG E . -26.91 -10.55 4.84
C3 NAG E . -27.55 -11.31 6.00
C4 NAG E . -28.63 -12.25 5.47
C5 NAG E . -28.12 -13.11 4.32
C6 NAG E . -29.24 -13.84 3.62
C7 NAG E . -26.08 -8.43 5.75
C8 NAG E . -24.87 -7.66 6.22
N2 NAG E . -25.85 -9.68 5.32
O3 NAG E . -28.11 -10.38 6.92
O4 NAG E . -29.07 -13.09 6.53
O5 NAG E . -27.47 -12.31 3.33
O6 NAG E . -28.77 -15.00 2.94
O7 NAG E . -27.20 -7.94 5.76
C1 NAG F . 6.45 -8.67 6.38
C2 NAG F . 5.85 -8.35 7.75
C3 NAG F . 6.68 -7.27 8.44
C4 NAG F . 8.15 -7.64 8.47
C5 NAG F . 8.64 -7.98 7.07
C6 NAG F . 10.07 -8.47 7.05
C7 NAG F . 3.56 -8.07 8.60
C8 NAG F . 2.18 -7.59 8.29
N2 NAG F . 4.47 -7.95 7.61
O3 NAG F . 6.20 -7.08 9.76
O4 NAG F . 8.92 -6.56 9.01
O5 NAG F . 7.83 -9.03 6.52
O6 NAG F . 10.66 -8.30 5.76
O7 NAG F . 3.86 -8.55 9.69
I IOD G . -6.28 9.25 -2.21
O1 MES H . -8.02 -14.92 -25.61
C2 MES H . -6.83 -14.45 -24.99
C3 MES H . -5.63 -14.78 -25.86
N4 MES H . -5.65 -16.21 -26.14
C5 MES H . -6.87 -16.75 -26.70
C6 MES H . -8.00 -16.34 -25.75
C7 MES H . -4.39 -16.73 -26.64
C8 MES H . -4.43 -18.25 -26.55
S MES H . -3.16 -18.82 -27.47
O1S MES H . -1.93 -18.12 -27.03
O2S MES H . -2.98 -20.27 -27.31
O3S MES H . -3.41 -18.51 -28.90
#